data_4EOY
#
_entry.id   4EOY
#
_cell.length_a   33.300
_cell.length_b   111.080
_cell.length_c   57.090
_cell.angle_alpha   90.00
_cell.angle_beta   92.58
_cell.angle_gamma   90.00
#
_symmetry.space_group_name_H-M   'P 1 21 1'
#
loop_
_entity.id
_entity.type
_entity.pdbx_description
1 polymer 'Microtubule-associated protein 1 light chain 3'
2 polymer 'Autophagy-related protein 3'
3 non-polymer 'CALCIUM ION'
4 non-polymer 'ACETATE ION'
5 non-polymer 'CHLORIDE ION'
6 non-polymer 'MAGNESIUM ION'
7 water water
#
loop_
_entity_poly.entity_id
_entity_poly.type
_entity_poly.pdbx_seq_one_letter_code
_entity_poly.pdbx_strand_id
1 'polypeptide(L)'
;GAMGMPSLKDEVSFENRVAETHKIRSKYPNRIPVVIERANRSNLPIIEKKKFLVPMNMLVGEFKFILHQHINQSAYGSNM
KLFRERTIYLFVNNIVPKTGLLMQDLYEMYKDEDGYLYMEYSSESSLG
;
A,B,C
2 'polypeptide(L)' NDWLLPSY D,E,F
#
# COMPACT_ATOMS: atom_id res chain seq x y z
N GLY A 4 -3.28 11.82 -9.21
CA GLY A 4 -4.13 13.01 -9.53
C GLY A 4 -4.38 13.22 -11.04
N MET A 5 -4.38 12.14 -11.80
CA MET A 5 -4.55 12.23 -13.25
C MET A 5 -6.01 12.40 -13.66
N PRO A 6 -6.24 12.96 -14.86
CA PRO A 6 -7.62 13.30 -15.26
C PRO A 6 -8.49 12.04 -15.39
N SER A 7 -9.65 12.07 -14.73
CA SER A 7 -10.59 10.93 -14.72
C SER A 7 -12.03 11.38 -15.06
N LEU A 8 -12.95 10.41 -15.06
CA LEU A 8 -14.35 10.65 -15.40
C LEU A 8 -15.07 11.48 -14.33
N LYS A 9 -14.56 11.41 -13.09
CA LYS A 9 -15.10 12.20 -11.97
C LYS A 9 -14.90 13.70 -12.20
N ASP A 10 -13.84 14.06 -12.92
CA ASP A 10 -13.57 15.44 -13.27
C ASP A 10 -14.39 15.89 -14.47
N GLU A 11 -14.79 14.91 -15.29
CA GLU A 11 -15.56 15.13 -16.52
C GLU A 11 -17.04 15.28 -16.26
N VAL A 12 -17.59 14.39 -15.42
CA VAL A 12 -19.02 14.31 -15.12
C VAL A 12 -19.28 14.46 -13.63
N SER A 13 -20.32 15.17 -13.27
CA SER A 13 -20.70 15.36 -11.86
C SER A 13 -21.16 14.08 -11.19
N PHE A 14 -20.99 13.99 -9.87
CA PHE A 14 -21.40 12.80 -9.09
C PHE A 14 -22.85 12.41 -9.34
N GLU A 15 -23.72 13.42 -9.43
CA GLU A 15 -25.16 13.21 -9.58
C GLU A 15 -25.54 12.63 -10.96
N ASN A 16 -24.86 13.10 -12.01
CA ASN A 16 -25.05 12.56 -13.37
C ASN A 16 -24.56 11.12 -13.51
N ARG A 17 -23.35 10.84 -13.00
CA ARG A 17 -22.79 9.48 -12.90
C ARG A 17 -23.67 8.48 -12.15
N VAL A 18 -24.24 8.90 -11.02
CA VAL A 18 -25.19 8.07 -10.29
C VAL A 18 -26.42 7.76 -11.14
N ALA A 19 -26.92 8.77 -11.84
CA ALA A 19 -28.05 8.60 -12.75
C ALA A 19 -27.70 7.68 -13.92
N GLU A 20 -26.52 7.86 -14.51
CA GLU A 20 -26.08 7.02 -15.64
C GLU A 20 -26.11 5.55 -15.24
N THR A 21 -25.42 5.24 -14.14
CA THR A 21 -25.21 3.84 -13.74
C THR A 21 -26.50 3.21 -13.23
N HIS A 22 -27.34 4.00 -12.58
CA HIS A 22 -28.62 3.50 -12.08
C HIS A 22 -29.48 3.02 -13.21
N LYS A 23 -29.63 3.83 -14.25
CA LYS A 23 -30.51 3.45 -15.36
C LYS A 23 -29.90 2.39 -16.26
N ILE A 24 -28.58 2.36 -16.39
CA ILE A 24 -27.94 1.30 -17.15
C ILE A 24 -28.06 -0.06 -16.41
N ARG A 25 -27.98 -0.01 -15.08
CA ARG A 25 -28.17 -1.22 -14.25
C ARG A 25 -29.62 -1.70 -14.20
N SER A 26 -30.58 -0.79 -14.27
CA SER A 26 -31.98 -1.19 -14.35
C SER A 26 -32.28 -1.77 -15.74
N LYS A 27 -31.70 -1.17 -16.79
CA LYS A 27 -31.89 -1.62 -18.17
C LYS A 27 -31.18 -2.94 -18.47
N TYR A 28 -29.97 -3.12 -17.93
CA TYR A 28 -29.15 -4.31 -18.21
C TYR A 28 -28.58 -4.93 -16.93
N PRO A 29 -29.44 -5.57 -16.13
CA PRO A 29 -29.05 -6.07 -14.80
C PRO A 29 -27.98 -7.18 -14.81
N ASN A 30 -27.75 -7.80 -15.96
CA ASN A 30 -26.73 -8.85 -16.08
C ASN A 30 -25.36 -8.34 -16.56
N ARG A 31 -25.19 -7.03 -16.67
CA ARG A 31 -23.90 -6.44 -17.04
C ARG A 31 -23.46 -5.38 -16.03
N ILE A 32 -22.15 -5.18 -15.88
CA ILE A 32 -21.64 -4.18 -14.94
C ILE A 32 -20.93 -3.05 -15.64
N PRO A 33 -21.17 -1.81 -15.20
CA PRO A 33 -20.52 -0.67 -15.82
C PRO A 33 -19.09 -0.49 -15.28
N VAL A 34 -18.12 -0.49 -16.19
CA VAL A 34 -16.72 -0.38 -15.85
C VAL A 34 -16.11 0.78 -16.60
N VAL A 35 -15.29 1.59 -15.92
CA VAL A 35 -14.53 2.67 -16.52
C VAL A 35 -13.05 2.38 -16.34
N ILE A 36 -12.27 2.47 -17.42
CA ILE A 36 -10.83 2.22 -17.35
C ILE A 36 -10.03 3.53 -17.34
N GLU A 37 -9.04 3.60 -16.47
CA GLU A 37 -8.26 4.83 -16.31
C GLU A 37 -6.77 4.57 -16.30
N ARG A 38 -6.02 5.46 -16.94
CA ARG A 38 -4.57 5.40 -17.01
C ARG A 38 -4.00 5.95 -15.72
N ALA A 39 -3.08 5.18 -15.10
CA ALA A 39 -2.67 5.43 -13.72
C ALA A 39 -1.24 5.94 -13.56
N ASN A 40 -0.46 5.90 -14.64
CA ASN A 40 0.87 6.53 -14.62
C ASN A 40 1.24 7.12 -15.98
N ARG A 41 2.36 7.83 -15.99
CA ARG A 41 2.88 8.47 -17.17
C ARG A 41 3.98 7.62 -17.81
N SER A 42 3.67 7.04 -18.97
CA SER A 42 4.62 6.18 -19.68
C SER A 42 4.25 6.10 -21.17
N ASN A 43 4.77 5.09 -21.86
CA ASN A 43 4.51 4.91 -23.29
C ASN A 43 3.18 4.23 -23.59
N LEU A 44 2.44 3.85 -22.55
CA LEU A 44 1.09 3.35 -22.72
C LEU A 44 0.15 4.48 -23.15
N PRO A 45 -0.63 4.23 -24.22
CA PRO A 45 -1.49 5.26 -24.78
C PRO A 45 -2.76 5.51 -23.96
N ILE A 46 -3.29 6.72 -24.07
CA ILE A 46 -4.57 7.04 -23.48
C ILE A 46 -5.66 6.56 -24.43
N ILE A 47 -6.45 5.59 -23.97
CA ILE A 47 -7.55 5.04 -24.77
C ILE A 47 -8.70 6.05 -24.83
N GLU A 48 -9.24 6.25 -26.03
CA GLU A 48 -10.33 7.20 -26.25
C GLU A 48 -11.66 6.63 -25.79
N LYS A 49 -11.82 5.30 -25.94
CA LYS A 49 -13.00 4.59 -25.44
C LYS A 49 -12.65 3.79 -24.18
N LYS A 50 -13.28 4.19 -23.07
CA LYS A 50 -12.89 3.67 -21.75
C LYS A 50 -14.04 3.15 -20.89
N LYS A 51 -15.25 3.15 -21.45
CA LYS A 51 -16.43 2.67 -20.72
C LYS A 51 -16.83 1.30 -21.25
N PHE A 52 -16.97 0.34 -20.35
CA PHE A 52 -17.30 -1.03 -20.69
C PHE A 52 -18.55 -1.48 -19.96
N LEU A 53 -19.35 -2.29 -20.64
CA LEU A 53 -20.51 -2.92 -20.04
C LEU A 53 -20.21 -4.41 -20.07
N VAL A 54 -19.69 -4.93 -18.96
CA VAL A 54 -19.09 -6.27 -18.93
C VAL A 54 -20.06 -7.33 -18.40
N PRO A 55 -20.19 -8.47 -19.09
CA PRO A 55 -21.08 -9.51 -18.60
C PRO A 55 -20.71 -9.93 -17.18
N MET A 56 -21.72 -10.09 -16.33
CA MET A 56 -21.48 -10.39 -14.91
C MET A 56 -20.68 -11.69 -14.67
N ASN A 57 -20.93 -12.72 -15.48
CA ASN A 57 -20.25 -14.02 -15.35
C ASN A 57 -18.90 -14.14 -16.07
N MET A 58 -18.46 -13.08 -16.74
CA MET A 58 -17.12 -13.05 -17.33
C MET A 58 -16.05 -13.13 -16.25
N LEU A 59 -15.06 -13.99 -16.47
CA LEU A 59 -13.96 -14.13 -15.54
C LEU A 59 -13.04 -12.92 -15.60
N VAL A 60 -12.47 -12.56 -14.46
CA VAL A 60 -11.56 -11.42 -14.40
C VAL A 60 -10.40 -11.66 -15.36
N GLY A 61 -9.82 -12.85 -15.31
CA GLY A 61 -8.73 -13.22 -16.22
C GLY A 61 -9.07 -13.02 -17.68
N GLU A 62 -10.31 -13.29 -18.05
CA GLU A 62 -10.77 -13.12 -19.42
C GLU A 62 -10.87 -11.63 -19.76
N PHE A 63 -11.47 -10.85 -18.85
CA PHE A 63 -11.61 -9.42 -19.08
C PHE A 63 -10.25 -8.70 -19.14
N LYS A 64 -9.33 -9.15 -18.28
CA LYS A 64 -7.93 -8.70 -18.31
C LYS A 64 -7.27 -8.97 -19.66
N PHE A 65 -7.52 -10.13 -20.27
CA PHE A 65 -7.00 -10.43 -21.61
C PHE A 65 -7.57 -9.46 -22.62
N ILE A 66 -8.87 -9.29 -22.62
CA ILE A 66 -9.54 -8.34 -23.50
C ILE A 66 -9.00 -6.92 -23.32
N LEU A 67 -8.78 -6.53 -22.07
CA LEU A 67 -8.34 -5.16 -21.78
C LEU A 67 -6.91 -4.90 -22.25
N HIS A 68 -6.05 -5.92 -22.14
CA HIS A 68 -4.69 -5.88 -22.65
C HIS A 68 -4.67 -5.52 -24.12
N GLN A 69 -5.52 -6.19 -24.89
CA GLN A 69 -5.57 -5.98 -26.34
C GLN A 69 -6.08 -4.58 -26.65
N HIS A 70 -7.19 -4.21 -26.02
CA HIS A 70 -7.78 -2.88 -26.27
C HIS A 70 -6.77 -1.78 -26.06
N ILE A 71 -6.08 -1.81 -24.91
CA ILE A 71 -5.13 -0.74 -24.59
C ILE A 71 -4.00 -0.66 -25.62
N ASN A 72 -3.64 -1.81 -26.19
CA ASN A 72 -2.55 -1.89 -27.15
C ASN A 72 -2.95 -1.76 -28.63
N GLN A 73 -4.23 -1.58 -28.90
CA GLN A 73 -4.76 -1.46 -30.26
C GLN A 73 -5.16 -0.03 -30.55
N SER A 74 -4.91 0.41 -31.78
CA SER A 74 -5.45 1.69 -32.26
C SER A 74 -5.98 1.53 -33.68
N ALA A 75 -6.86 2.43 -34.06
CA ALA A 75 -7.47 2.41 -35.38
C ALA A 75 -6.46 2.65 -36.50
N TYR A 76 -6.50 1.80 -37.52
CA TYR A 76 -5.66 1.97 -38.71
C TYR A 76 -6.56 1.94 -39.94
N GLY A 77 -7.59 2.78 -39.90
CA GLY A 77 -8.58 2.85 -40.97
C GLY A 77 -9.79 1.98 -40.70
N SER A 78 -10.37 1.47 -41.79
CA SER A 78 -11.61 0.72 -41.76
C SER A 78 -11.28 -0.76 -41.96
N ASN A 79 -11.92 -1.62 -41.16
CA ASN A 79 -11.61 -3.08 -41.11
C ASN A 79 -10.27 -3.47 -40.47
N MET A 80 -9.55 -2.53 -39.87
CA MET A 80 -8.16 -2.75 -39.49
C MET A 80 -7.87 -2.09 -38.15
N LYS A 81 -7.01 -2.73 -37.38
CA LYS A 81 -6.52 -2.19 -36.13
C LYS A 81 -5.05 -2.53 -35.98
N LEU A 82 -4.26 -1.56 -35.52
CA LEU A 82 -2.83 -1.75 -35.30
C LEU A 82 -2.63 -2.15 -33.85
N PHE A 83 -1.96 -3.29 -33.62
CA PHE A 83 -1.64 -3.79 -32.29
C PHE A 83 -0.14 -3.71 -32.07
N ARG A 84 0.28 -2.91 -31.08
CA ARG A 84 1.67 -2.88 -30.61
C ARG A 84 1.76 -3.51 -29.23
N GLU A 85 2.56 -4.58 -29.12
CA GLU A 85 2.79 -5.29 -27.84
C GLU A 85 3.52 -4.42 -26.81
N ARG A 86 2.90 -4.27 -25.64
CA ARG A 86 3.48 -3.56 -24.48
C ARG A 86 3.04 -4.30 -23.23
N THR A 87 3.89 -4.26 -22.20
CA THR A 87 3.55 -4.84 -20.90
C THR A 87 2.62 -3.88 -20.14
N ILE A 88 1.48 -4.41 -19.67
CA ILE A 88 0.50 -3.64 -18.90
C ILE A 88 0.23 -4.32 -17.56
N TYR A 89 0.07 -3.52 -16.52
CA TYR A 89 -0.39 -4.01 -15.23
C TYR A 89 -1.73 -3.36 -14.91
N LEU A 90 -2.69 -4.20 -14.52
CA LEU A 90 -4.06 -3.74 -14.23
C LEU A 90 -4.37 -3.72 -12.73
N PHE A 91 -5.17 -2.74 -12.32
CA PHE A 91 -5.48 -2.53 -10.91
C PHE A 91 -6.94 -2.21 -10.66
N VAL A 92 -7.49 -2.82 -9.61
CA VAL A 92 -8.79 -2.41 -9.10
C VAL A 92 -8.66 -1.89 -7.66
N ASN A 93 -9.06 -0.63 -7.44
CA ASN A 93 -8.87 -0.01 -6.12
C ASN A 93 -7.47 -0.30 -5.56
N ASN A 94 -6.46 0.03 -6.38
CA ASN A 94 -5.03 -0.11 -6.08
C ASN A 94 -4.46 -1.51 -5.95
N ILE A 95 -5.30 -2.55 -6.04
CA ILE A 95 -4.83 -3.94 -5.94
C ILE A 95 -4.98 -4.71 -7.23
N VAL A 96 -4.25 -5.83 -7.32
CA VAL A 96 -4.26 -6.64 -8.53
C VAL A 96 -5.58 -7.41 -8.62
N PRO A 97 -6.31 -7.26 -9.73
CA PRO A 97 -7.53 -8.06 -9.85
C PRO A 97 -7.22 -9.55 -9.79
N LYS A 98 -7.98 -10.28 -8.96
CA LYS A 98 -7.78 -11.72 -8.75
C LYS A 98 -8.32 -12.50 -9.96
N THR A 99 -7.45 -13.26 -10.62
CA THR A 99 -7.75 -13.81 -11.93
C THR A 99 -8.93 -14.79 -11.92
N GLY A 100 -9.05 -15.57 -10.84
CA GLY A 100 -10.05 -16.64 -10.76
C GLY A 100 -11.43 -16.25 -10.23
N LEU A 101 -11.75 -14.96 -10.25
CA LEU A 101 -13.03 -14.45 -9.76
C LEU A 101 -13.92 -14.05 -10.94
N LEU A 102 -15.20 -13.85 -10.65
CA LEU A 102 -16.16 -13.28 -11.61
C LEU A 102 -16.07 -11.76 -11.58
N MET A 103 -16.41 -11.12 -12.70
CA MET A 103 -16.44 -9.66 -12.76
C MET A 103 -17.52 -9.08 -11.86
N GLN A 104 -18.55 -9.87 -11.55
CA GLN A 104 -19.54 -9.43 -10.59
C GLN A 104 -18.92 -9.26 -9.20
N ASP A 105 -17.99 -10.15 -8.85
CA ASP A 105 -17.38 -10.13 -7.53
C ASP A 105 -16.61 -8.82 -7.34
N LEU A 106 -15.79 -8.49 -8.33
CA LEU A 106 -15.09 -7.22 -8.35
C LEU A 106 -16.08 -6.09 -8.15
N TYR A 107 -17.20 -6.15 -8.86
CA TYR A 107 -18.21 -5.11 -8.79
C TYR A 107 -18.76 -5.02 -7.37
N GLU A 108 -19.22 -6.14 -6.82
CA GLU A 108 -19.76 -6.14 -5.46
C GLU A 108 -18.72 -5.67 -4.42
N MET A 109 -17.45 -6.05 -4.59
CA MET A 109 -16.41 -5.71 -3.62
C MET A 109 -15.87 -4.27 -3.72
N TYR A 110 -15.65 -3.79 -4.95
CA TYR A 110 -14.90 -2.55 -5.18
C TYR A 110 -15.68 -1.46 -5.92
N LYS A 111 -16.96 -1.67 -6.13
CA LYS A 111 -17.78 -0.68 -6.83
C LYS A 111 -17.71 0.68 -6.14
N ASP A 112 -17.59 1.74 -6.94
CA ASP A 112 -17.58 3.08 -6.43
C ASP A 112 -19.00 3.50 -6.03
N GLU A 113 -19.10 4.46 -5.13
CA GLU A 113 -20.39 4.96 -4.68
C GLU A 113 -21.24 5.48 -5.83
N ASP A 114 -20.60 6.00 -6.88
CA ASP A 114 -21.33 6.49 -8.05
C ASP A 114 -21.90 5.37 -8.95
N GLY A 115 -21.62 4.12 -8.62
CA GLY A 115 -22.16 2.96 -9.37
C GLY A 115 -21.16 2.30 -10.32
N TYR A 116 -20.03 2.97 -10.57
CA TYR A 116 -19.02 2.46 -11.52
C TYR A 116 -17.99 1.57 -10.84
N LEU A 117 -17.50 0.58 -11.59
CA LEU A 117 -16.29 -0.11 -11.22
C LEU A 117 -15.11 0.57 -11.92
N TYR A 118 -14.26 1.20 -11.12
CA TYR A 118 -13.09 1.91 -11.65
C TYR A 118 -11.90 0.99 -11.66
N MET A 119 -11.27 0.87 -12.81
CA MET A 119 -10.07 0.05 -12.97
C MET A 119 -8.98 0.86 -13.63
N GLU A 120 -7.73 0.58 -13.29
CA GLU A 120 -6.63 1.41 -13.76
C GLU A 120 -5.54 0.60 -14.34
N TYR A 121 -4.84 1.17 -15.32
CA TYR A 121 -3.70 0.49 -15.90
C TYR A 121 -2.46 1.33 -15.73
N SER A 122 -1.35 0.61 -15.54
CA SER A 122 -0.06 1.18 -15.35
C SER A 122 0.98 0.38 -16.10
N SER A 123 2.10 1.02 -16.44
CA SER A 123 3.26 0.30 -16.99
C SER A 123 4.10 -0.36 -15.89
N GLU A 124 3.85 0.01 -14.63
CA GLU A 124 4.57 -0.54 -13.48
C GLU A 124 3.64 -1.34 -12.58
N SER A 125 4.19 -2.29 -11.87
CA SER A 125 3.42 -3.21 -11.06
C SER A 125 2.99 -2.66 -9.71
N SER A 126 3.34 -1.41 -9.38
CA SER A 126 3.17 -0.94 -8.00
C SER A 126 1.75 -0.50 -7.63
N LEU A 127 1.28 0.62 -8.18
CA LEU A 127 0.02 1.20 -7.69
C LEU A 127 -0.82 1.97 -8.74
N MET B 5 -18.04 -4.03 6.92
CA MET B 5 -18.72 -3.66 5.64
C MET B 5 -19.43 -2.30 5.71
N PRO B 6 -20.28 -2.09 6.74
CA PRO B 6 -21.10 -0.87 6.74
C PRO B 6 -20.30 0.30 7.22
N SER B 7 -20.53 1.49 6.66
CA SER B 7 -19.70 2.66 6.91
C SER B 7 -20.51 3.93 7.09
N LEU B 8 -19.80 5.05 7.28
CA LEU B 8 -20.40 6.37 7.41
C LEU B 8 -21.24 6.78 6.19
N LYS B 9 -20.90 6.24 5.03
CA LYS B 9 -21.67 6.46 3.79
C LYS B 9 -23.07 5.90 3.87
N ASP B 10 -23.24 4.87 4.69
CA ASP B 10 -24.54 4.24 4.94
C ASP B 10 -25.29 5.02 6.01
N GLU B 11 -24.56 5.72 6.87
CA GLU B 11 -25.13 6.50 7.96
C GLU B 11 -25.62 7.87 7.49
N VAL B 12 -24.81 8.55 6.69
CA VAL B 12 -25.07 9.92 6.24
C VAL B 12 -25.11 9.98 4.72
N SER B 13 -26.01 10.79 4.18
CA SER B 13 -26.13 10.98 2.73
C SER B 13 -24.91 11.69 2.16
N PHE B 14 -24.64 11.45 0.88
CA PHE B 14 -23.53 12.11 0.18
C PHE B 14 -23.59 13.63 0.34
N GLU B 15 -24.78 14.19 0.22
CA GLU B 15 -24.96 15.64 0.20
C GLU B 15 -24.68 16.26 1.58
N ASN B 16 -25.08 15.57 2.63
CA ASN B 16 -24.77 16.02 4.00
C ASN B 16 -23.27 15.95 4.30
N ARG B 17 -22.64 14.84 3.92
CA ARG B 17 -21.19 14.66 4.05
C ARG B 17 -20.36 15.69 3.30
N VAL B 18 -20.79 16.07 2.09
CA VAL B 18 -20.13 17.14 1.33
C VAL B 18 -20.29 18.49 2.04
N ALA B 19 -21.46 18.71 2.61
CA ALA B 19 -21.73 19.90 3.42
C ALA B 19 -20.92 19.96 4.70
N GLU B 20 -20.81 18.83 5.40
CA GLU B 20 -19.98 18.73 6.61
C GLU B 20 -18.55 19.14 6.32
N THR B 21 -17.92 18.44 5.38
CA THR B 21 -16.49 18.59 5.12
C THR B 21 -16.16 19.92 4.49
N HIS B 22 -17.09 20.47 3.71
CA HIS B 22 -16.87 21.78 3.12
C HIS B 22 -16.74 22.85 4.17
N LYS B 23 -17.68 22.88 5.12
CA LYS B 23 -17.66 23.92 6.15
C LYS B 23 -16.60 23.71 7.23
N ILE B 24 -16.23 22.46 7.50
CA ILE B 24 -15.12 22.19 8.40
C ILE B 24 -13.78 22.61 7.77
N ARG B 25 -13.64 22.42 6.45
CA ARG B 25 -12.45 22.84 5.69
C ARG B 25 -12.35 24.35 5.52
N SER B 26 -13.49 25.04 5.43
CA SER B 26 -13.49 26.50 5.39
C SER B 26 -13.17 27.08 6.78
N LYS B 27 -13.70 26.43 7.83
CA LYS B 27 -13.46 26.85 9.21
C LYS B 27 -12.03 26.55 9.70
N TYR B 28 -11.50 25.38 9.33
CA TYR B 28 -10.16 24.92 9.78
C TYR B 28 -9.29 24.43 8.62
N PRO B 29 -8.81 25.36 7.77
CA PRO B 29 -8.08 25.01 6.55
C PRO B 29 -6.74 24.28 6.78
N ASN B 30 -6.20 24.31 7.99
CA ASN B 30 -4.94 23.62 8.31
C ASN B 30 -5.10 22.21 8.85
N ARG B 31 -6.34 21.72 8.93
CA ARG B 31 -6.62 20.36 9.40
C ARG B 31 -7.40 19.58 8.35
N ILE B 32 -7.25 18.25 8.34
CA ILE B 32 -7.97 17.41 7.38
C ILE B 32 -8.97 16.44 8.05
N PRO B 33 -10.19 16.33 7.49
CA PRO B 33 -11.17 15.43 8.06
C PRO B 33 -10.94 13.97 7.69
N VAL B 34 -10.78 13.13 8.71
CA VAL B 34 -10.47 11.72 8.52
C VAL B 34 -11.49 10.85 9.25
N VAL B 35 -12.01 9.82 8.59
CA VAL B 35 -12.94 8.85 9.19
C VAL B 35 -12.27 7.48 9.20
N ILE B 36 -12.27 6.82 10.36
CA ILE B 36 -11.60 5.52 10.49
CA ILE B 36 -11.61 5.52 10.52
C ILE B 36 -12.64 4.41 10.44
N GLU B 37 -12.37 3.38 9.62
CA GLU B 37 -13.33 2.28 9.46
C GLU B 37 -12.68 0.91 9.69
N ARG B 38 -13.44 0.01 10.32
CA ARG B 38 -13.02 -1.38 10.54
C ARG B 38 -13.26 -2.20 9.27
N ALA B 39 -12.24 -2.92 8.85
CA ALA B 39 -12.24 -3.48 7.48
C ALA B 39 -12.30 -5.00 7.44
N ASN B 40 -12.18 -5.65 8.59
CA ASN B 40 -12.40 -7.06 8.69
C ASN B 40 -13.05 -7.47 10.01
N ARG B 41 -13.41 -8.74 10.09
CA ARG B 41 -14.03 -9.34 11.27
C ARG B 41 -12.97 -10.09 12.09
N SER B 42 -12.66 -9.55 13.24
CA SER B 42 -11.69 -10.16 14.13
C SER B 42 -11.90 -9.63 15.57
N ASN B 43 -10.87 -9.80 16.39
CA ASN B 43 -10.91 -9.42 17.81
C ASN B 43 -10.67 -7.95 18.03
N LEU B 44 -10.38 -7.21 16.94
CA LEU B 44 -10.22 -5.76 17.02
C LEU B 44 -11.59 -5.15 17.25
N PRO B 45 -11.67 -4.17 18.18
CA PRO B 45 -12.93 -3.59 18.55
C PRO B 45 -13.41 -2.54 17.57
N ILE B 46 -14.72 -2.32 17.55
CA ILE B 46 -15.31 -1.21 16.80
C ILE B 46 -15.25 0.06 17.63
N ILE B 47 -14.46 1.02 17.19
CA ILE B 47 -14.31 2.29 17.91
C ILE B 47 -15.56 3.14 17.77
N GLU B 48 -16.04 3.71 18.87
CA GLU B 48 -17.26 4.50 18.89
C GLU B 48 -17.02 5.91 18.39
N LYS B 49 -15.80 6.41 18.60
CA LYS B 49 -15.36 7.69 18.03
C LYS B 49 -14.35 7.46 16.91
N LYS B 50 -14.74 7.82 15.69
CA LYS B 50 -14.00 7.48 14.48
C LYS B 50 -13.68 8.66 13.57
N LYS B 51 -14.04 9.89 13.97
CA LYS B 51 -13.84 11.09 13.15
C LYS B 51 -12.68 11.94 13.70
N PHE B 52 -11.70 12.21 12.83
CA PHE B 52 -10.49 12.91 13.22
C PHE B 52 -10.29 14.19 12.42
N LEU B 53 -9.83 15.24 13.09
CA LEU B 53 -9.46 16.45 12.44
C LEU B 53 -7.95 16.57 12.66
N VAL B 54 -7.19 16.11 11.67
CA VAL B 54 -5.76 15.87 11.82
C VAL B 54 -4.96 17.04 11.27
N PRO B 55 -3.97 17.53 12.04
CA PRO B 55 -3.12 18.63 11.53
C PRO B 55 -2.43 18.29 10.20
N MET B 56 -2.47 19.21 9.26
CA MET B 56 -1.97 18.93 7.91
C MET B 56 -0.51 18.48 7.87
N ASN B 57 0.34 19.08 8.71
CA ASN B 57 1.78 18.74 8.76
C ASN B 57 2.15 17.56 9.68
N MET B 58 1.15 16.90 10.29
CA MET B 58 1.42 15.68 11.02
C MET B 58 1.88 14.57 10.06
N LEU B 59 2.92 13.86 10.46
CA LEU B 59 3.45 12.75 9.68
C LEU B 59 2.53 11.56 9.78
N VAL B 60 2.45 10.80 8.68
CA VAL B 60 1.60 9.63 8.61
C VAL B 60 2.02 8.62 9.68
N GLY B 61 3.32 8.42 9.84
CA GLY B 61 3.86 7.54 10.88
C GLY B 61 3.43 7.94 12.27
N GLU B 62 3.33 9.25 12.51
CA GLU B 62 2.88 9.76 13.81
C GLU B 62 1.38 9.52 14.01
N PHE B 63 0.59 9.76 12.95
CA PHE B 63 -0.85 9.53 13.04
C PHE B 63 -1.17 8.06 13.22
N LYS B 64 -0.42 7.21 12.50
CA LYS B 64 -0.51 5.75 12.65
C LYS B 64 -0.27 5.31 14.10
N PHE B 65 0.73 5.91 14.76
CA PHE B 65 1.01 5.59 16.17
C PHE B 65 -0.16 5.99 17.06
N ILE B 66 -0.65 7.20 16.88
CA ILE B 66 -1.83 7.66 17.62
C ILE B 66 -3.05 6.75 17.39
N LEU B 67 -3.24 6.33 16.13
CA LEU B 67 -4.40 5.52 15.76
C LEU B 67 -4.32 4.13 16.38
N HIS B 68 -3.11 3.56 16.43
CA HIS B 68 -2.86 2.27 17.08
C HIS B 68 -3.34 2.28 18.50
N GLN B 69 -3.01 3.34 19.24
CA GLN B 69 -3.40 3.46 20.64
C GLN B 69 -4.90 3.59 20.79
N HIS B 70 -5.50 4.49 20.00
CA HIS B 70 -6.92 4.74 20.07
C HIS B 70 -7.69 3.46 19.90
N ILE B 71 -7.37 2.70 18.85
CA ILE B 71 -8.14 1.48 18.53
C ILE B 71 -8.03 0.47 19.67
N ASN B 72 -6.90 0.49 20.38
CA ASN B 72 -6.65 -0.49 21.43
C ASN B 72 -7.02 -0.02 22.85
N GLN B 73 -7.57 1.18 22.95
CA GLN B 73 -7.97 1.77 24.23
C GLN B 73 -9.47 1.81 24.36
N SER B 74 -9.98 1.55 25.55
CA SER B 74 -11.38 1.78 25.85
C SER B 74 -11.53 2.48 27.17
N ALA B 75 -12.67 3.13 27.38
CA ALA B 75 -12.95 3.82 28.64
C ALA B 75 -13.02 2.87 29.84
N TYR B 76 -12.37 3.26 30.94
CA TYR B 76 -12.45 2.52 32.21
C TYR B 76 -12.73 3.47 33.39
N GLY B 77 -13.77 4.30 33.25
CA GLY B 77 -14.12 5.27 34.27
C GLY B 77 -13.38 6.57 34.05
N SER B 78 -13.72 7.58 34.85
CA SER B 78 -13.19 8.93 34.62
C SER B 78 -11.67 8.96 34.73
N ASN B 79 -11.04 9.70 33.81
CA ASN B 79 -9.59 9.82 33.70
C ASN B 79 -8.85 8.50 33.95
N MET B 80 -9.30 7.48 33.24
CA MET B 80 -8.63 6.19 33.10
C MET B 80 -9.04 5.59 31.76
N LYS B 81 -8.10 4.89 31.13
CA LYS B 81 -8.38 4.15 29.90
C LYS B 81 -7.67 2.82 29.99
N LEU B 82 -8.31 1.78 29.50
CA LEU B 82 -7.75 0.43 29.44
C LEU B 82 -7.16 0.20 28.05
N PHE B 83 -5.89 -0.17 28.01
CA PHE B 83 -5.16 -0.46 26.79
C PHE B 83 -4.84 -1.96 26.71
N ARG B 84 -5.35 -2.60 25.67
CA ARG B 84 -4.99 -3.98 25.35
C ARG B 84 -4.20 -4.02 24.06
N GLU B 85 -2.98 -4.56 24.15
CA GLU B 85 -2.08 -4.66 22.99
C GLU B 85 -2.61 -5.68 21.97
N ARG B 86 -2.78 -5.21 20.72
CA ARG B 86 -3.21 -6.06 19.60
C ARG B 86 -2.50 -5.57 18.33
N THR B 87 -2.18 -6.49 17.43
CA THR B 87 -1.57 -6.12 16.15
C THR B 87 -2.64 -5.54 15.19
N ILE B 88 -2.36 -4.33 14.68
CA ILE B 88 -3.27 -3.65 13.74
C ILE B 88 -2.53 -3.29 12.46
N TYR B 89 -3.20 -3.51 11.32
CA TYR B 89 -2.72 -3.01 10.05
C TYR B 89 -3.61 -1.89 9.58
N LEU B 90 -3.02 -0.79 9.14
CA LEU B 90 -3.77 0.37 8.65
C LEU B 90 -3.71 0.52 7.14
N PHE B 91 -4.81 1.05 6.57
CA PHE B 91 -4.93 1.15 5.11
C PHE B 91 -5.57 2.46 4.66
N VAL B 92 -5.08 3.02 3.55
CA VAL B 92 -5.74 4.13 2.88
C VAL B 92 -6.00 3.74 1.40
N ASN B 93 -7.28 3.67 1.03
CA ASN B 93 -7.70 3.22 -0.30
C ASN B 93 -7.07 1.89 -0.70
N ASN B 94 -7.14 0.95 0.23
CA ASN B 94 -6.60 -0.43 0.12
C ASN B 94 -5.05 -0.60 0.12
N ILE B 95 -4.31 0.48 0.23
CA ILE B 95 -2.85 0.38 0.33
C ILE B 95 -2.33 0.79 1.70
N VAL B 96 -1.08 0.45 1.97
CA VAL B 96 -0.44 0.81 3.23
C VAL B 96 -0.04 2.28 3.20
N PRO B 97 -0.49 3.08 4.19
CA PRO B 97 -0.05 4.47 4.25
C PRO B 97 1.48 4.57 4.35
N LYS B 98 2.06 5.45 3.53
CA LYS B 98 3.52 5.62 3.47
C LYS B 98 3.96 6.44 4.68
N THR B 99 4.84 5.87 5.49
CA THR B 99 5.16 6.43 6.81
C THR B 99 5.76 7.81 6.72
N GLY B 100 6.63 8.04 5.72
CA GLY B 100 7.42 9.28 5.64
C GLY B 100 6.75 10.44 4.91
N LEU B 101 5.42 10.40 4.79
CA LEU B 101 4.66 11.45 4.10
C LEU B 101 3.91 12.28 5.13
N LEU B 102 3.44 13.45 4.69
CA LEU B 102 2.54 14.30 5.49
C LEU B 102 1.12 13.81 5.34
N MET B 103 0.30 14.08 6.35
CA MET B 103 -1.12 13.71 6.28
C MET B 103 -1.85 14.53 5.21
N GLN B 104 -1.30 15.69 4.85
CA GLN B 104 -1.86 16.46 3.73
C GLN B 104 -1.67 15.72 2.39
N ASP B 105 -0.59 14.98 2.27
CA ASP B 105 -0.33 14.26 1.05
C ASP B 105 -1.35 13.16 0.84
N LEU B 106 -1.58 12.36 1.89
CA LEU B 106 -2.66 11.37 1.87
C LEU B 106 -3.98 11.99 1.49
N TYR B 107 -4.29 13.14 2.07
CA TYR B 107 -5.50 13.86 1.76
C TYR B 107 -5.60 14.24 0.31
N GLU B 108 -4.58 14.94 -0.20
CA GLU B 108 -4.56 15.33 -1.63
C GLU B 108 -4.59 14.13 -2.59
N MET B 109 -3.95 13.01 -2.26
CA MET B 109 -3.89 11.83 -3.12
C MET B 109 -5.11 10.90 -3.06
N TYR B 110 -5.65 10.66 -1.87
CA TYR B 110 -6.68 9.65 -1.66
C TYR B 110 -8.00 10.18 -1.12
N LYS B 111 -8.16 11.50 -1.02
CA LYS B 111 -9.41 12.08 -0.51
C LYS B 111 -10.62 11.59 -1.33
N ASP B 112 -11.70 11.25 -0.62
CA ASP B 112 -12.94 10.81 -1.22
C ASP B 112 -13.66 12.01 -1.81
N GLU B 113 -14.54 11.77 -2.76
CA GLU B 113 -15.29 12.86 -3.42
C GLU B 113 -16.15 13.63 -2.43
N ASP B 114 -16.57 12.97 -1.33
CA ASP B 114 -17.36 13.64 -0.31
C ASP B 114 -16.55 14.58 0.58
N GLY B 115 -15.23 14.63 0.39
CA GLY B 115 -14.35 15.52 1.16
C GLY B 115 -13.58 14.81 2.28
N TYR B 116 -13.95 13.57 2.61
CA TYR B 116 -13.31 12.84 3.70
C TYR B 116 -12.14 12.02 3.23
N LEU B 117 -11.12 11.90 4.08
CA LEU B 117 -10.10 10.88 3.88
C LEU B 117 -10.56 9.66 4.64
N TYR B 118 -10.79 8.56 3.92
CA TYR B 118 -11.21 7.35 4.55
C TYR B 118 -9.97 6.48 4.81
N MET B 119 -9.88 5.94 6.02
CA MET B 119 -8.82 5.00 6.39
C MET B 119 -9.40 3.78 7.10
N GLU B 120 -8.80 2.63 6.90
CA GLU B 120 -9.37 1.41 7.43
C GLU B 120 -8.35 0.62 8.25
N TYR B 121 -8.84 -0.12 9.22
CA TYR B 121 -7.98 -1.00 9.98
C TYR B 121 -8.43 -2.43 9.90
N SER B 122 -7.43 -3.31 9.92
CA SER B 122 -7.64 -4.71 9.81
C SER B 122 -6.67 -5.42 10.75
N SER B 123 -6.99 -6.66 11.09
CA SER B 123 -6.08 -7.54 11.82
C SER B 123 -5.18 -8.32 10.88
N GLU B 124 -5.49 -8.32 9.58
CA GLU B 124 -4.80 -9.14 8.57
C GLU B 124 -3.99 -8.20 7.65
N SER B 125 -2.94 -8.70 7.01
CA SER B 125 -1.94 -7.81 6.34
C SER B 125 -2.37 -7.31 4.96
N SER B 126 -3.22 -8.05 4.26
CA SER B 126 -3.78 -7.60 2.97
C SER B 126 -5.31 -7.59 3.04
N LEU B 127 -5.93 -6.55 2.48
CA LEU B 127 -7.39 -6.43 2.52
C LEU B 127 -8.04 -7.36 1.50
N MET C 5 8.78 -11.47 17.26
CA MET C 5 9.50 -10.48 16.39
C MET C 5 10.62 -9.79 17.16
N PRO C 6 11.54 -10.56 17.76
CA PRO C 6 12.65 -9.93 18.47
C PRO C 6 13.80 -9.45 17.58
N SER C 7 14.46 -8.39 18.02
CA SER C 7 15.61 -7.80 17.34
C SER C 7 16.90 -8.14 18.09
N LEU C 8 18.00 -7.51 17.66
CA LEU C 8 19.29 -7.58 18.35
C LEU C 8 19.23 -6.69 19.58
N LYS C 9 18.35 -5.70 19.54
CA LYS C 9 18.17 -4.77 20.62
C LYS C 9 17.58 -5.42 21.88
N ASP C 10 16.83 -6.51 21.69
CA ASP C 10 16.31 -7.29 22.80
C ASP C 10 17.35 -8.29 23.30
N GLU C 11 18.28 -8.69 22.43
CA GLU C 11 19.33 -9.65 22.74
C GLU C 11 20.51 -9.01 23.49
N VAL C 12 20.95 -7.86 23.00
CA VAL C 12 22.13 -7.16 23.50
C VAL C 12 21.77 -5.76 23.97
N SER C 13 22.38 -5.32 25.06
CA SER C 13 22.16 -3.98 25.59
C SER C 13 22.73 -2.88 24.69
N PHE C 14 22.14 -1.69 24.77
CA PHE C 14 22.58 -0.55 23.97
C PHE C 14 24.09 -0.32 24.12
N GLU C 15 24.56 -0.39 25.35
CA GLU C 15 25.95 -0.09 25.67
C GLU C 15 26.94 -1.09 25.06
N ASN C 16 26.57 -2.37 25.06
CA ASN C 16 27.38 -3.42 24.43
C ASN C 16 27.43 -3.28 22.91
N ARG C 17 26.26 -3.03 22.30
CA ARG C 17 26.15 -2.78 20.86
C ARG C 17 26.96 -1.58 20.38
N VAL C 18 26.95 -0.49 21.15
CA VAL C 18 27.77 0.69 20.85
C VAL C 18 29.26 0.33 20.90
N ALA C 19 29.63 -0.48 21.89
CA ALA C 19 30.99 -0.98 22.05
C ALA C 19 31.39 -1.89 20.89
N GLU C 20 30.51 -2.80 20.50
CA GLU C 20 30.77 -3.71 19.37
C GLU C 20 31.10 -2.95 18.10
N THR C 21 30.20 -2.05 17.72
CA THR C 21 30.29 -1.36 16.43
C THR C 21 31.43 -0.34 16.44
N HIS C 22 31.70 0.28 17.59
CA HIS C 22 32.79 1.24 17.69
C HIS C 22 34.10 0.57 17.38
N LYS C 23 34.37 -0.57 18.02
CA LYS C 23 35.65 -1.24 17.82
C LYS C 23 35.76 -1.99 16.49
N ILE C 24 34.64 -2.45 15.95
CA ILE C 24 34.65 -3.03 14.61
C ILE C 24 34.93 -1.96 13.54
N ARG C 25 34.38 -0.75 13.75
CA ARG C 25 34.61 0.41 12.85
C ARG C 25 36.03 0.98 12.95
N SER C 26 36.62 0.93 14.13
CA SER C 26 38.01 1.36 14.29
C SER C 26 38.96 0.33 13.66
N LYS C 27 38.62 -0.95 13.80
CA LYS C 27 39.40 -2.04 13.23
C LYS C 27 39.28 -2.15 11.71
N TYR C 28 38.06 -1.96 11.18
CA TYR C 28 37.79 -2.10 9.75
C TYR C 28 37.01 -0.90 9.21
N PRO C 29 37.68 0.25 9.07
CA PRO C 29 37.00 1.50 8.67
C PRO C 29 36.38 1.50 7.26
N ASN C 30 36.77 0.56 6.41
CA ASN C 30 36.23 0.46 5.05
C ASN C 30 35.04 -0.50 4.91
N ARG C 31 34.53 -1.02 6.03
CA ARG C 31 33.35 -1.91 6.03
C ARG C 31 32.32 -1.37 7.00
N ILE C 32 31.04 -1.64 6.73
CA ILE C 32 29.95 -1.17 7.59
C ILE C 32 29.23 -2.34 8.25
N PRO C 33 28.91 -2.22 9.56
CA PRO C 33 28.17 -3.29 10.26
C PRO C 33 26.67 -3.25 10.02
N VAL C 34 26.13 -4.33 9.47
CA VAL C 34 24.73 -4.43 9.10
C VAL C 34 24.07 -5.63 9.78
N VAL C 35 22.87 -5.42 10.32
CA VAL C 35 22.11 -6.51 10.94
C VAL C 35 20.83 -6.65 10.14
N ILE C 36 20.48 -7.86 9.76
CA ILE C 36 19.28 -8.10 8.94
C ILE C 36 18.19 -8.80 9.78
N GLU C 37 16.98 -8.23 9.74
CA GLU C 37 15.89 -8.64 10.63
C GLU C 37 14.63 -8.99 9.85
N ARG C 38 13.94 -10.03 10.30
CA ARG C 38 12.68 -10.47 9.71
C ARG C 38 11.60 -9.56 10.22
N ALA C 39 10.79 -9.05 9.30
CA ALA C 39 9.85 -7.99 9.60
C ALA C 39 8.37 -8.42 9.55
N ASN C 40 8.09 -9.59 8.99
CA ASN C 40 6.72 -10.10 9.05
C ASN C 40 6.67 -11.60 9.26
N ARG C 41 5.46 -12.10 9.46
CA ARG C 41 5.23 -13.52 9.65
C ARG C 41 4.78 -14.14 8.34
N SER C 42 5.61 -14.99 7.79
CA SER C 42 5.30 -15.68 6.54
C SER C 42 6.21 -16.91 6.37
N ASN C 43 6.27 -17.44 5.15
CA ASN C 43 7.04 -18.64 4.83
C ASN C 43 8.53 -18.38 4.68
N LEU C 44 8.93 -17.10 4.77
CA LEU C 44 10.34 -16.74 4.76
C LEU C 44 11.01 -17.19 6.06
N PRO C 45 12.16 -17.90 5.95
CA PRO C 45 12.81 -18.47 7.12
C PRO C 45 13.60 -17.46 7.94
N ILE C 46 13.72 -17.73 9.24
CA ILE C 46 14.52 -16.90 10.13
C ILE C 46 15.97 -17.31 9.95
N ILE C 47 16.79 -16.40 9.44
CA ILE C 47 18.20 -16.68 9.21
C ILE C 47 18.98 -16.70 10.55
N GLU C 48 19.80 -17.73 10.73
CA GLU C 48 20.57 -17.90 11.97
C GLU C 48 21.78 -16.96 12.01
N LYS C 49 22.34 -16.66 10.84
CA LYS C 49 23.42 -15.68 10.69
C LYS C 49 22.92 -14.40 10.03
N LYS C 50 22.89 -13.32 10.81
CA LYS C 50 22.25 -12.08 10.41
C LYS C 50 23.13 -10.83 10.52
N LYS C 51 24.42 -11.00 10.85
CA LYS C 51 25.35 -9.86 10.97
C LYS C 51 26.30 -9.82 9.78
N PHE C 52 26.36 -8.66 9.12
CA PHE C 52 27.20 -8.51 7.93
C PHE C 52 28.21 -7.39 8.14
N LEU C 53 29.40 -7.59 7.59
CA LEU C 53 30.40 -6.55 7.49
C LEU C 53 30.56 -6.24 6.00
N VAL C 54 29.86 -5.22 5.53
CA VAL C 54 29.72 -4.97 4.09
C VAL C 54 30.71 -3.93 3.56
N PRO C 55 31.44 -4.25 2.48
CA PRO C 55 32.34 -3.25 1.92
C PRO C 55 31.63 -1.92 1.63
N MET C 56 32.27 -0.82 1.98
CA MET C 56 31.63 0.49 1.86
C MET C 56 31.22 0.86 0.43
N ASN C 57 32.05 0.49 -0.55
CA ASN C 57 31.76 0.79 -1.97
C ASN C 57 30.85 -0.22 -2.67
N MET C 58 30.41 -1.26 -1.97
CA MET C 58 29.43 -2.19 -2.54
C MET C 58 28.13 -1.45 -2.84
N LEU C 59 27.57 -1.73 -4.01
CA LEU C 59 26.30 -1.13 -4.42
C LEU C 59 25.15 -1.82 -3.69
N VAL C 60 24.12 -1.02 -3.40
CA VAL C 60 22.96 -1.53 -2.69
C VAL C 60 22.33 -2.66 -3.50
N GLY C 61 22.17 -2.44 -4.79
CA GLY C 61 21.66 -3.48 -5.69
C GLY C 61 22.44 -4.79 -5.63
N GLU C 62 23.75 -4.71 -5.47
CA GLU C 62 24.58 -5.90 -5.34
C GLU C 62 24.39 -6.58 -3.98
N PHE C 63 24.30 -5.80 -2.91
CA PHE C 63 24.09 -6.38 -1.59
C PHE C 63 22.68 -7.00 -1.47
N LYS C 64 21.70 -6.31 -2.06
CA LYS C 64 20.35 -6.86 -2.16
C LYS C 64 20.36 -8.25 -2.80
N PHE C 65 21.07 -8.41 -3.92
CA PHE C 65 21.17 -9.70 -4.63
C PHE C 65 21.76 -10.74 -3.68
N ILE C 66 22.87 -10.40 -3.05
CA ILE C 66 23.51 -11.30 -2.11
C ILE C 66 22.57 -11.67 -0.96
N LEU C 67 21.80 -10.70 -0.48
CA LEU C 67 20.91 -10.92 0.65
C LEU C 67 19.73 -11.82 0.28
N HIS C 68 19.24 -11.68 -0.94
CA HIS C 68 18.18 -12.55 -1.49
C HIS C 68 18.59 -13.99 -1.40
N GLN C 69 19.80 -14.29 -1.86
CA GLN C 69 20.31 -15.66 -1.86
C GLN C 69 20.45 -16.22 -0.44
N HIS C 70 21.09 -15.45 0.43
CA HIS C 70 21.31 -15.86 1.79
C HIS C 70 20.02 -16.25 2.47
N ILE C 71 18.98 -15.40 2.37
CA ILE C 71 17.72 -15.67 3.05
C ILE C 71 17.09 -16.96 2.53
N ASN C 72 17.32 -17.25 1.25
CA ASN C 72 16.71 -18.42 0.59
C ASN C 72 17.58 -19.66 0.58
N GLN C 73 18.76 -19.59 1.21
CA GLN C 73 19.63 -20.74 1.33
C GLN C 73 19.64 -21.29 2.74
N SER C 74 19.74 -22.61 2.85
CA SER C 74 20.01 -23.25 4.14
C SER C 74 21.02 -24.37 3.95
N ALA C 75 21.69 -24.72 5.04
CA ALA C 75 22.70 -25.78 5.02
C ALA C 75 22.09 -27.13 4.63
N TYR C 76 22.77 -27.84 3.74
CA TYR C 76 22.41 -29.23 3.41
C TYR C 76 23.65 -30.13 3.47
N GLY C 77 24.40 -30.03 4.56
CA GLY C 77 25.65 -30.74 4.66
C GLY C 77 26.84 -29.89 4.25
N SER C 78 27.95 -30.56 3.95
CA SER C 78 29.24 -29.89 3.86
C SER C 78 29.40 -29.11 2.56
N ASN C 79 29.44 -29.83 1.45
CA ASN C 79 29.73 -29.20 0.15
C ASN C 79 28.54 -28.45 -0.43
N MET C 80 27.57 -28.07 0.42
CA MET C 80 26.25 -27.96 -0.12
C MET C 80 25.33 -26.99 0.61
N LYS C 81 24.50 -26.32 -0.18
CA LYS C 81 23.45 -25.45 0.32
C LYS C 81 22.18 -25.64 -0.51
N LEU C 82 21.05 -25.68 0.17
CA LEU C 82 19.75 -25.82 -0.48
C LEU C 82 19.17 -24.44 -0.72
N PHE C 83 18.87 -24.11 -1.97
CA PHE C 83 18.26 -22.83 -2.34
C PHE C 83 16.82 -23.02 -2.78
N ARG C 84 15.88 -22.42 -2.03
CA ARG C 84 14.47 -22.42 -2.42
C ARG C 84 14.05 -21.01 -2.82
N GLU C 85 13.62 -20.86 -4.07
CA GLU C 85 13.19 -19.55 -4.58
C GLU C 85 11.92 -19.04 -3.89
N ARG C 86 12.01 -17.83 -3.32
CA ARG C 86 10.88 -17.13 -2.70
C ARG C 86 11.04 -15.66 -2.98
N THR C 87 9.91 -14.95 -3.13
CA THR C 87 9.92 -13.50 -3.32
C THR C 87 10.18 -12.77 -1.98
N ILE C 88 11.17 -11.88 -1.97
CA ILE C 88 11.56 -11.14 -0.76
C ILE C 88 11.60 -9.66 -1.07
N TYR C 89 11.09 -8.86 -0.13
CA TYR C 89 11.17 -7.39 -0.19
C TYR C 89 12.03 -6.87 0.94
N LEU C 90 13.04 -6.09 0.60
CA LEU C 90 14.00 -5.56 1.57
C LEU C 90 13.70 -4.11 1.96
N PHE C 91 13.99 -3.78 3.21
CA PHE C 91 13.70 -2.43 3.73
C PHE C 91 14.80 -1.84 4.62
N VAL C 92 15.05 -0.55 4.47
CA VAL C 92 15.95 0.14 5.38
C VAL C 92 15.20 1.32 5.98
N ASN C 93 15.04 1.29 7.31
CA ASN C 93 14.22 2.27 8.03
C ASN C 93 12.85 2.46 7.34
N ASN C 94 12.19 1.33 7.14
CA ASN C 94 10.84 1.24 6.56
C ASN C 94 10.68 1.61 5.09
N ILE C 95 11.76 2.03 4.41
CA ILE C 95 11.71 2.36 2.98
C ILE C 95 12.48 1.36 2.12
N VAL C 96 12.25 1.39 0.82
CA VAL C 96 12.95 0.51 -0.10
C VAL C 96 14.37 1.02 -0.37
N PRO C 97 15.40 0.19 -0.15
CA PRO C 97 16.77 0.64 -0.41
C PRO C 97 16.95 1.03 -1.87
N LYS C 98 17.54 2.19 -2.11
CA LYS C 98 17.72 2.73 -3.47
C LYS C 98 18.85 1.98 -4.17
N THR C 99 18.53 1.32 -5.27
CA THR C 99 19.44 0.35 -5.89
C THR C 99 20.77 0.97 -6.36
N GLY C 100 20.72 2.20 -6.85
CA GLY C 100 21.90 2.85 -7.43
C GLY C 100 22.81 3.63 -6.47
N LEU C 101 22.72 3.31 -5.17
CA LEU C 101 23.53 3.99 -4.15
C LEU C 101 24.59 3.06 -3.61
N LEU C 102 25.59 3.64 -2.93
CA LEU C 102 26.61 2.86 -2.23
C LEU C 102 26.07 2.42 -0.88
N MET C 103 26.59 1.33 -0.35
CA MET C 103 26.17 0.88 0.99
C MET C 103 26.61 1.87 2.06
N GLN C 104 27.66 2.65 1.78
CA GLN C 104 28.09 3.70 2.70
C GLN C 104 27.00 4.76 2.82
N ASP C 105 26.32 5.05 1.71
CA ASP C 105 25.29 6.09 1.72
C ASP C 105 24.15 5.68 2.63
N LEU C 106 23.69 4.43 2.50
CA LEU C 106 22.69 3.89 3.43
C LEU C 106 23.17 4.04 4.88
N TYR C 107 24.44 3.72 5.13
CA TYR C 107 25.00 3.78 6.46
C TYR C 107 25.00 5.20 6.99
N GLU C 108 25.50 6.15 6.22
CA GLU C 108 25.50 7.55 6.64
C GLU C 108 24.06 8.11 6.85
N MET C 109 23.12 7.71 6.00
CA MET C 109 21.75 8.23 6.07
C MET C 109 20.91 7.59 7.18
N TYR C 110 20.96 6.26 7.32
CA TYR C 110 20.00 5.51 8.14
C TYR C 110 20.61 4.72 9.31
N LYS C 111 21.90 4.92 9.56
CA LYS C 111 22.59 4.24 10.65
C LYS C 111 21.87 4.49 11.99
N ASP C 112 21.73 3.43 12.78
CA ASP C 112 21.12 3.52 14.09
C ASP C 112 22.12 4.16 15.06
N GLU C 113 21.60 4.75 16.13
CA GLU C 113 22.44 5.37 17.15
C GLU C 113 23.45 4.41 17.78
N ASP C 114 23.12 3.12 17.80
CA ASP C 114 24.03 2.10 18.33
C ASP C 114 25.18 1.74 17.37
N GLY C 115 25.19 2.34 16.19
CA GLY C 115 26.28 2.12 15.24
C GLY C 115 25.96 1.14 14.12
N TYR C 116 24.86 0.40 14.25
CA TYR C 116 24.46 -0.59 13.26
C TYR C 116 23.59 0.05 12.18
N LEU C 117 23.68 -0.49 10.96
CA LEU C 117 22.65 -0.27 9.93
C LEU C 117 21.68 -1.44 9.98
N TYR C 118 20.44 -1.15 10.35
CA TYR C 118 19.41 -2.19 10.47
C TYR C 118 18.64 -2.29 9.19
N MET C 119 18.53 -3.50 8.67
CA MET C 119 17.74 -3.75 7.45
C MET C 119 16.75 -4.89 7.70
N GLU C 120 15.57 -4.80 7.07
CA GLU C 120 14.52 -5.79 7.33
C GLU C 120 14.02 -6.43 6.04
N TYR C 121 13.59 -7.69 6.14
CA TYR C 121 13.01 -8.38 5.01
C TYR C 121 11.59 -8.80 5.35
N SER C 122 10.76 -8.76 4.32
CA SER C 122 9.35 -9.10 4.42
C SER C 122 8.95 -9.86 3.18
N SER C 123 7.89 -10.64 3.29
CA SER C 123 7.27 -11.28 2.11
C SER C 123 6.35 -10.33 1.36
N GLU C 124 6.02 -9.20 1.99
CA GLU C 124 5.14 -8.19 1.39
C GLU C 124 5.83 -6.84 1.22
N SER C 125 5.21 -5.96 0.43
CA SER C 125 5.90 -4.82 -0.16
C SER C 125 6.03 -3.60 0.74
N SER C 126 5.31 -3.58 1.86
CA SER C 126 5.44 -2.50 2.85
C SER C 126 5.54 -3.06 4.27
N LEU C 127 6.03 -2.22 5.19
CA LEU C 127 6.35 -2.58 6.58
C LEU C 127 7.70 -3.32 6.70
N ASN D 1 -22.59 8.72 -24.14
CA ASN D 1 -23.55 7.58 -24.09
C ASN D 1 -22.97 6.29 -24.68
N ASP D 2 -21.65 6.23 -24.83
CA ASP D 2 -20.97 5.13 -25.53
C ASP D 2 -20.37 4.10 -24.59
N TRP D 3 -20.65 2.83 -24.87
CA TRP D 3 -20.14 1.70 -24.11
C TRP D 3 -19.55 0.66 -24.99
N LEU D 4 -18.44 0.06 -24.56
CA LEU D 4 -17.91 -1.14 -25.21
C LEU D 4 -18.51 -2.39 -24.57
N LEU D 5 -18.90 -3.33 -25.43
CA LEU D 5 -19.54 -4.56 -25.00
C LEU D 5 -18.65 -5.76 -25.33
N PRO D 6 -17.83 -6.18 -24.36
CA PRO D 6 -16.91 -7.26 -24.61
C PRO D 6 -17.59 -8.61 -24.67
N SER D 7 -16.98 -9.54 -25.41
CA SER D 7 -17.49 -10.89 -25.57
C SER D 7 -16.35 -11.90 -25.58
N TYR D 8 -16.71 -13.18 -25.61
CA TYR D 8 -15.81 -14.30 -25.28
C TYR D 8 -15.20 -14.96 -26.52
N ASN E 1 -20.89 18.50 15.65
CA ASN E 1 -20.65 17.07 15.99
C ASN E 1 -19.24 16.85 16.58
N ASP E 2 -18.84 15.58 16.71
CA ASP E 2 -17.65 15.22 17.50
C ASP E 2 -16.42 14.84 16.69
N TRP E 3 -15.30 15.47 17.02
CA TRP E 3 -14.02 15.24 16.37
C TRP E 3 -12.93 14.93 17.37
N LEU E 4 -12.08 13.98 17.04
CA LEU E 4 -10.84 13.79 17.80
C LEU E 4 -9.72 14.66 17.21
N LEU E 5 -8.99 15.35 18.09
CA LEU E 5 -7.92 16.26 17.69
C LEU E 5 -6.58 15.71 18.15
N PRO E 6 -5.88 14.99 17.26
CA PRO E 6 -4.62 14.36 17.63
C PRO E 6 -3.47 15.35 17.71
N SER E 7 -2.48 15.02 18.53
CA SER E 7 -1.31 15.86 18.76
C SER E 7 -0.04 14.99 18.87
N TYR E 8 1.11 15.60 18.58
CA TYR E 8 2.41 14.92 18.72
C TYR E 8 3.51 15.94 19.02
N ASN F 1 32.32 -12.92 18.16
CA ASN F 1 31.27 -12.25 17.34
C ASN F 1 31.38 -12.68 15.87
N ASP F 2 30.30 -13.26 15.35
CA ASP F 2 30.29 -13.80 14.00
C ASP F 2 29.70 -12.82 12.99
N TRP F 3 30.45 -12.61 11.91
CA TRP F 3 30.04 -11.71 10.82
C TRP F 3 30.14 -12.40 9.48
N LEU F 4 29.17 -12.15 8.62
CA LEU F 4 29.27 -12.56 7.21
C LEU F 4 29.91 -11.47 6.37
N LEU F 5 30.89 -11.84 5.57
CA LEU F 5 31.64 -10.90 4.74
C LEU F 5 31.29 -11.13 3.27
N PRO F 6 30.35 -10.34 2.74
CA PRO F 6 29.93 -10.51 1.37
C PRO F 6 30.91 -9.94 0.36
N SER F 7 30.95 -10.53 -0.82
CA SER F 7 31.86 -10.14 -1.89
C SER F 7 31.15 -10.13 -3.24
N TYR F 8 31.69 -9.36 -4.18
CA TYR F 8 31.10 -9.21 -5.51
C TYR F 8 32.16 -8.68 -6.48
#